data_5CHG
#
_entry.id   5CHG
#
_cell.length_a   83.893
_cell.length_b   83.893
_cell.length_c   398.646
_cell.angle_alpha   90.00
_cell.angle_beta   90.00
_cell.angle_gamma   120.00
#
_symmetry.space_group_name_H-M   'P 65 2 2'
#
loop_
_entity.id
_entity.type
_entity.pdbx_description
1 polymer 'DNA polymerase lambda'
2 polymer "DNA (5'-D(*CP*AP*GP*TP*AP*C)-3')"
3 polymer "DNA (5'-D(P*GP*TP*AP*CP*TP*G)-3')"
4 non-polymer 'MAGNESIUM ION'
5 non-polymer 'SULFATE ION'
6 non-polymer "2'-DEOXYGUANOSINE-5'-TRIPHOSPHATE"
7 water water
#
loop_
_entity_poly.entity_id
_entity_poly.type
_entity_poly.pdbx_seq_one_letter_code
_entity_poly.pdbx_strand_id
1 'polypeptide(L)'
;AQPSSQKATNHNLHITEKLEVLAKAYSVQGDKWRALGYAKAINALKSFHKPVTSYQEACSIPGIGKRMAEKIIEILESGH
LRKLDHISESVPVLELFSNIWGAGTKTAQMWYQQGFRSLEDIRSQASLTTQQAIGLKHYSDFLERMPREEATEIEQTVQK
AAQAFNSGLLCVACGSYRRGKATCGDVDVAITHPDGRSHRGIFSRLLDSLRQEGFLTDDLVSQEENGQQQKYLGVCRLPG
PGRRHRRLDIIVVPYSEFACALLYFTGSAHFNRSMRALAKTKGMSLSEHALSTAVVRNTHGCKVGPGRVLPTPTEKDVFR
LLGLPYREPAERDW
;
A,B
2 'polydeoxyribonucleotide' (DC)(DA)(DG)(DT)(DA)(DC) P
3 'polydeoxyribonucleotide' (DG)(DT)(DA)(DC)(DT)(DG) T
#
loop_
_chem_comp.id
_chem_comp.type
_chem_comp.name
_chem_comp.formula
DA DNA linking 2'-DEOXYADENOSINE-5'-MONOPHOSPHATE 'C10 H14 N5 O6 P'
DC DNA linking 2'-DEOXYCYTIDINE-5'-MONOPHOSPHATE 'C9 H14 N3 O7 P'
DG DNA linking 2'-DEOXYGUANOSINE-5'-MONOPHOSPHATE 'C10 H14 N5 O7 P'
DGT non-polymer 2'-DEOXYGUANOSINE-5'-TRIPHOSPHATE 'C10 H16 N5 O13 P3'
DT DNA linking THYMIDINE-5'-MONOPHOSPHATE 'C10 H15 N2 O8 P'
MG non-polymer 'MAGNESIUM ION' 'Mg 2'
SO4 non-polymer 'SULFATE ION' 'O4 S -2'
#
# COMPACT_ATOMS: atom_id res chain seq x y z
N GLU A 89 -30.67 -1.36 4.11
CA GLU A 89 -29.74 -2.15 3.30
C GLU A 89 -29.57 -1.60 1.88
N SER A 90 -30.02 -0.37 1.64
CA SER A 90 -29.85 0.26 0.34
C SER A 90 -28.37 0.47 -0.01
N VAL A 91 -27.61 1.03 0.93
CA VAL A 91 -26.20 1.30 0.72
C VAL A 91 -25.39 0.03 0.37
N PRO A 92 -25.58 -1.07 1.11
CA PRO A 92 -24.89 -2.29 0.67
C PRO A 92 -25.29 -2.74 -0.74
N VAL A 93 -26.57 -2.64 -1.07
CA VAL A 93 -27.06 -3.09 -2.38
C VAL A 93 -26.45 -2.26 -3.52
N LEU A 94 -26.38 -0.94 -3.33
CA LEU A 94 -25.73 -0.08 -4.33
C LEU A 94 -24.27 -0.48 -4.52
N GLU A 95 -23.56 -0.74 -3.42
CA GLU A 95 -22.18 -1.22 -3.50
C GLU A 95 -22.09 -2.54 -4.27
N LEU A 96 -22.99 -3.46 -3.94
CA LEU A 96 -23.04 -4.76 -4.61
C LEU A 96 -23.14 -4.59 -6.13
N PHE A 97 -24.03 -3.71 -6.57
CA PHE A 97 -24.24 -3.48 -7.99
C PHE A 97 -23.07 -2.71 -8.60
N SER A 98 -22.50 -1.79 -7.83
CA SER A 98 -21.43 -0.93 -8.33
C SER A 98 -20.15 -1.71 -8.61
N ASN A 99 -20.00 -2.87 -7.99
CA ASN A 99 -18.82 -3.68 -8.20
C ASN A 99 -18.88 -4.44 -9.51
N ILE A 100 -19.97 -4.27 -10.25
CA ILE A 100 -20.06 -4.81 -11.58
C ILE A 100 -19.29 -3.88 -12.53
N TRP A 101 -18.49 -4.47 -13.41
CA TRP A 101 -17.73 -3.67 -14.36
C TRP A 101 -18.69 -3.10 -15.39
N GLY A 102 -18.65 -1.78 -15.57
CA GLY A 102 -19.53 -1.12 -16.51
C GLY A 102 -20.78 -0.60 -15.85
N ALA A 103 -20.87 -0.80 -14.53
CA ALA A 103 -21.98 -0.29 -13.75
C ALA A 103 -21.48 0.68 -12.68
N GLY A 104 -22.03 1.90 -12.66
CA GLY A 104 -21.69 2.89 -11.66
C GLY A 104 -22.86 3.19 -10.74
N THR A 105 -22.82 4.32 -10.04
CA THR A 105 -23.91 4.61 -9.11
C THR A 105 -25.22 4.96 -9.83
N LYS A 106 -25.14 5.50 -11.04
CA LYS A 106 -26.36 5.85 -11.77
C LYS A 106 -27.19 4.62 -12.14
N THR A 107 -26.53 3.58 -12.64
CA THR A 107 -27.22 2.37 -13.05
C THR A 107 -27.61 1.54 -11.83
N ALA A 108 -26.78 1.56 -10.79
CA ALA A 108 -27.10 0.83 -9.57
C ALA A 108 -28.36 1.41 -8.93
N GLN A 109 -28.44 2.75 -8.90
CA GLN A 109 -29.63 3.43 -8.40
C GLN A 109 -30.85 3.09 -9.23
N MET A 110 -30.66 2.95 -10.53
CA MET A 110 -31.76 2.57 -11.42
C MET A 110 -32.21 1.15 -11.11
N TRP A 111 -31.26 0.22 -11.04
CA TRP A 111 -31.56 -1.17 -10.73
C TRP A 111 -32.25 -1.31 -9.38
N TYR A 112 -31.86 -0.47 -8.43
CA TYR A 112 -32.47 -0.51 -7.11
C TYR A 112 -33.94 -0.10 -7.17
N GLN A 113 -34.24 0.90 -7.99
CA GLN A 113 -35.61 1.37 -8.09
C GLN A 113 -36.49 0.33 -8.77
N GLN A 114 -35.91 -0.49 -9.63
CA GLN A 114 -36.64 -1.57 -10.29
C GLN A 114 -36.98 -2.68 -9.30
N GLY A 115 -36.31 -2.69 -8.15
CA GLY A 115 -36.61 -3.64 -7.10
C GLY A 115 -35.60 -4.77 -6.97
N PHE A 116 -34.50 -4.66 -7.71
CA PHE A 116 -33.46 -5.66 -7.67
C PHE A 116 -32.65 -5.51 -6.39
N ARG A 117 -32.29 -6.63 -5.76
CA ARG A 117 -31.53 -6.60 -4.52
C ARG A 117 -30.30 -7.51 -4.60
N SER A 118 -30.34 -8.50 -5.51
CA SER A 118 -29.27 -9.48 -5.63
C SER A 118 -28.67 -9.52 -7.03
N LEU A 119 -27.47 -10.09 -7.14
CA LEU A 119 -26.82 -10.30 -8.44
C LEU A 119 -27.67 -11.20 -9.32
N GLU A 120 -28.42 -12.11 -8.70
CA GLU A 120 -29.29 -13.01 -9.46
C GLU A 120 -30.43 -12.22 -10.12
N ASP A 121 -30.97 -11.26 -9.36
CA ASP A 121 -31.98 -10.36 -9.88
C ASP A 121 -31.48 -9.61 -11.11
N ILE A 122 -30.24 -9.13 -11.06
CA ILE A 122 -29.65 -8.41 -12.17
C ILE A 122 -29.51 -9.33 -13.39
N ARG A 123 -29.10 -10.57 -13.15
CA ARG A 123 -28.83 -11.53 -14.21
C ARG A 123 -30.09 -11.97 -14.95
N SER A 124 -31.21 -12.04 -14.24
CA SER A 124 -32.41 -12.61 -14.86
C SER A 124 -33.35 -11.57 -15.44
N GLN A 125 -33.35 -10.37 -14.86
CA GLN A 125 -34.34 -9.36 -15.25
C GLN A 125 -33.77 -8.08 -15.85
N ALA A 126 -32.56 -7.70 -15.46
CA ALA A 126 -32.01 -6.41 -15.87
C ALA A 126 -31.43 -6.43 -17.28
N SER A 127 -31.58 -5.30 -17.98
CA SER A 127 -30.97 -5.11 -19.29
C SER A 127 -29.49 -4.83 -19.13
N LEU A 128 -28.66 -5.63 -19.80
CA LEU A 128 -27.22 -5.52 -19.65
C LEU A 128 -26.52 -5.25 -20.96
N THR A 129 -25.49 -4.41 -20.91
CA THR A 129 -24.57 -4.29 -22.02
C THR A 129 -23.72 -5.56 -22.05
N THR A 130 -23.02 -5.79 -23.14
CA THR A 130 -22.14 -6.96 -23.21
C THR A 130 -21.08 -6.83 -22.12
N GLN A 131 -20.63 -5.60 -21.89
CA GLN A 131 -19.68 -5.32 -20.83
C GLN A 131 -20.24 -5.79 -19.49
N GLN A 132 -21.31 -5.15 -19.06
CA GLN A 132 -21.98 -5.46 -17.80
C GLN A 132 -22.29 -6.95 -17.65
N ALA A 133 -22.61 -7.61 -18.76
CA ALA A 133 -22.87 -9.04 -18.75
C ALA A 133 -21.61 -9.82 -18.37
N ILE A 134 -20.48 -9.39 -18.94
CA ILE A 134 -19.21 -10.04 -18.67
C ILE A 134 -18.78 -9.83 -17.21
N GLY A 135 -18.88 -8.60 -16.74
CA GLY A 135 -18.51 -8.27 -15.37
C GLY A 135 -19.37 -8.99 -14.35
N LEU A 136 -20.60 -9.31 -14.74
CA LEU A 136 -21.52 -10.02 -13.85
C LEU A 136 -21.14 -11.49 -13.68
N LYS A 137 -20.59 -12.11 -14.73
CA LYS A 137 -20.22 -13.51 -14.65
C LYS A 137 -18.81 -13.70 -14.13
N HIS A 138 -18.04 -12.61 -14.02
CA HIS A 138 -16.71 -12.65 -13.45
C HIS A 138 -16.66 -11.81 -12.18
N TYR A 139 -17.84 -11.53 -11.64
CA TYR A 139 -18.02 -10.68 -10.47
C TYR A 139 -17.11 -11.09 -9.33
N SER A 140 -17.11 -12.38 -9.02
CA SER A 140 -16.30 -12.90 -7.93
C SER A 140 -14.81 -12.73 -8.22
N ASP A 141 -14.37 -13.26 -9.36
CA ASP A 141 -12.97 -13.17 -9.75
C ASP A 141 -12.46 -11.74 -9.85
N PHE A 142 -13.31 -10.83 -10.34
CA PHE A 142 -12.86 -9.47 -10.57
C PHE A 142 -12.63 -8.70 -9.29
N LEU A 143 -13.18 -9.20 -8.18
CA LEU A 143 -13.05 -8.55 -6.89
C LEU A 143 -11.71 -8.83 -6.23
N GLU A 144 -11.06 -9.91 -6.65
CA GLU A 144 -9.81 -10.34 -6.04
C GLU A 144 -8.62 -9.60 -6.62
N ARG A 145 -7.70 -9.18 -5.76
CA ARG A 145 -6.39 -8.73 -6.20
C ARG A 145 -5.60 -9.97 -6.56
N MET A 146 -4.50 -9.80 -7.28
CA MET A 146 -3.66 -10.94 -7.64
C MET A 146 -2.25 -10.74 -7.12
N PRO A 147 -1.54 -11.84 -6.84
CA PRO A 147 -0.11 -11.71 -6.50
C PRO A 147 0.66 -11.19 -7.70
N ARG A 148 1.66 -10.35 -7.50
CA ARG A 148 2.40 -9.77 -8.61
C ARG A 148 3.12 -10.83 -9.43
N GLU A 149 3.27 -12.03 -8.87
CA GLU A 149 3.89 -13.13 -9.59
C GLU A 149 2.99 -13.56 -10.74
N GLU A 150 1.69 -13.62 -10.48
CA GLU A 150 0.71 -13.98 -11.51
C GLU A 150 0.68 -12.90 -12.58
N ALA A 151 0.82 -11.65 -12.16
CA ALA A 151 0.88 -10.53 -13.08
C ALA A 151 2.07 -10.70 -14.02
N THR A 152 3.21 -11.13 -13.48
CA THR A 152 4.39 -11.36 -14.29
C THR A 152 4.09 -12.40 -15.37
N GLU A 153 3.46 -13.51 -14.98
CA GLU A 153 3.12 -14.57 -15.92
C GLU A 153 2.25 -14.05 -17.05
N ILE A 154 1.34 -13.13 -16.72
CA ILE A 154 0.46 -12.54 -17.70
C ILE A 154 1.22 -11.64 -18.67
N GLU A 155 2.18 -10.88 -18.15
CA GLU A 155 2.99 -10.01 -19.00
C GLU A 155 3.82 -10.84 -19.98
N GLN A 156 4.30 -11.99 -19.51
CA GLN A 156 5.12 -12.85 -20.36
C GLN A 156 4.27 -13.59 -21.39
N THR A 157 3.03 -13.90 -21.01
CA THR A 157 2.11 -14.57 -21.93
C THR A 157 1.80 -13.64 -23.10
N VAL A 158 1.77 -12.35 -22.81
CA VAL A 158 1.55 -11.35 -23.84
C VAL A 158 2.84 -11.11 -24.62
N GLN A 159 3.96 -11.01 -23.91
CA GLN A 159 5.24 -10.72 -24.53
C GLN A 159 5.68 -11.83 -25.50
N LYS A 160 5.51 -13.07 -25.09
CA LYS A 160 5.84 -14.20 -25.97
C LYS A 160 5.03 -14.14 -27.26
N ALA A 161 3.71 -14.02 -27.12
CA ALA A 161 2.81 -14.02 -28.27
C ALA A 161 3.06 -12.83 -29.18
N ALA A 162 3.56 -11.74 -28.58
CA ALA A 162 3.89 -10.54 -29.33
C ALA A 162 5.16 -10.73 -30.14
N GLN A 163 6.21 -11.18 -29.47
CA GLN A 163 7.52 -11.36 -30.11
C GLN A 163 7.51 -12.47 -31.15
N ALA A 164 6.42 -13.23 -31.19
CA ALA A 164 6.26 -14.26 -32.21
C ALA A 164 5.99 -13.62 -33.55
N PHE A 165 5.69 -12.33 -33.54
CA PHE A 165 5.49 -11.57 -34.77
C PHE A 165 6.72 -10.74 -35.09
N ASN A 166 7.30 -10.15 -34.04
CA ASN A 166 8.51 -9.35 -34.18
C ASN A 166 9.33 -9.40 -32.91
N SER A 167 10.52 -9.96 -33.01
CA SER A 167 11.39 -10.17 -31.85
C SER A 167 11.77 -8.87 -31.15
N GLY A 168 11.83 -7.79 -31.91
CA GLY A 168 12.28 -6.52 -31.39
C GLY A 168 11.24 -5.75 -30.63
N LEU A 169 10.05 -6.34 -30.49
CA LEU A 169 8.93 -5.69 -29.79
C LEU A 169 9.15 -5.60 -28.29
N LEU A 170 8.83 -4.44 -27.73
CA LEU A 170 8.96 -4.20 -26.30
C LEU A 170 7.62 -4.27 -25.58
N CYS A 171 7.54 -5.10 -24.54
CA CYS A 171 6.32 -5.21 -23.75
C CYS A 171 6.61 -4.98 -22.28
N VAL A 172 6.02 -3.92 -21.74
CA VAL A 172 6.24 -3.55 -20.34
C VAL A 172 4.93 -3.46 -19.57
N ALA A 173 4.86 -4.15 -18.44
CA ALA A 173 3.69 -4.08 -17.57
C ALA A 173 3.73 -2.80 -16.73
N CYS A 174 2.69 -1.98 -16.82
CA CYS A 174 2.70 -0.69 -16.12
C CYS A 174 1.46 -0.47 -15.28
N GLY A 175 1.26 -1.24 -14.23
CA GLY A 175 0.07 -1.03 -13.43
C GLY A 175 0.42 -0.69 -12.00
N SER A 176 -0.20 -1.42 -11.09
CA SER A 176 0.25 -1.44 -9.71
C SER A 176 1.58 -2.17 -9.74
N TYR A 177 1.72 -3.03 -10.75
CA TYR A 177 2.89 -3.87 -10.94
C TYR A 177 4.18 -3.08 -11.04
N ARG A 178 4.23 -2.13 -11.97
CA ARG A 178 5.43 -1.33 -12.17
C ARG A 178 5.76 -0.51 -10.94
N ARG A 179 4.73 -0.09 -10.20
CA ARG A 179 4.94 0.70 -9.00
C ARG A 179 5.43 -0.17 -7.83
N GLY A 180 5.53 -1.47 -8.07
CA GLY A 180 6.13 -2.39 -7.11
C GLY A 180 5.17 -2.96 -6.09
N LYS A 181 3.88 -2.66 -6.22
CA LYS A 181 2.86 -3.19 -5.32
C LYS A 181 2.91 -4.72 -5.26
N ALA A 182 2.65 -5.25 -4.08
CA ALA A 182 2.71 -6.70 -3.88
C ALA A 182 1.48 -7.36 -4.50
N THR A 183 0.46 -6.56 -4.74
CA THR A 183 -0.78 -7.03 -5.36
C THR A 183 -1.19 -6.16 -6.53
N CYS A 184 -1.93 -6.74 -7.46
CA CYS A 184 -2.41 -6.01 -8.62
C CYS A 184 -3.89 -6.28 -8.83
N GLY A 185 -4.67 -5.22 -9.01
CA GLY A 185 -6.08 -5.36 -9.31
C GLY A 185 -6.29 -5.77 -10.75
N ASP A 186 -5.31 -5.44 -11.59
CA ASP A 186 -5.37 -5.76 -13.00
C ASP A 186 -3.98 -5.62 -13.60
N VAL A 187 -3.80 -6.11 -14.83
CA VAL A 187 -2.51 -5.99 -15.49
C VAL A 187 -2.60 -5.06 -16.69
N ASP A 188 -1.72 -4.06 -16.71
CA ASP A 188 -1.69 -3.09 -17.79
C ASP A 188 -0.38 -3.20 -18.58
N VAL A 189 -0.46 -3.59 -19.85
CA VAL A 189 0.73 -3.85 -20.65
C VAL A 189 0.93 -2.88 -21.80
N ALA A 190 2.03 -2.13 -21.77
CA ALA A 190 2.38 -1.22 -22.85
C ALA A 190 3.28 -1.90 -23.89
N ILE A 191 3.05 -1.62 -25.16
CA ILE A 191 3.79 -2.28 -26.24
C ILE A 191 4.28 -1.30 -27.28
N THR A 192 5.57 -1.40 -27.62
CA THR A 192 6.14 -0.54 -28.64
C THR A 192 7.30 -1.25 -29.34
N HIS A 193 7.86 -0.57 -30.35
CA HIS A 193 9.06 -1.06 -31.01
C HIS A 193 10.04 0.09 -31.20
N PRO A 194 11.32 -0.14 -30.88
CA PRO A 194 12.39 0.86 -31.03
C PRO A 194 12.50 1.44 -32.43
N ASP A 195 12.24 0.66 -33.48
CA ASP A 195 12.42 1.18 -34.84
C ASP A 195 11.35 2.23 -35.19
N GLY A 196 10.25 2.21 -34.45
CA GLY A 196 9.20 3.20 -34.62
C GLY A 196 8.24 2.93 -35.76
N ARG A 197 8.33 1.75 -36.35
CA ARG A 197 7.43 1.39 -37.43
C ARG A 197 6.74 0.06 -37.15
N SER A 198 7.50 -0.89 -36.61
CA SER A 198 7.06 -2.28 -36.52
C SER A 198 5.91 -2.51 -35.54
N HIS A 199 5.57 -1.48 -34.77
CA HIS A 199 4.45 -1.56 -33.85
C HIS A 199 3.13 -1.65 -34.60
N ARG A 200 3.12 -1.16 -35.85
CA ARG A 200 1.92 -1.15 -36.68
C ARG A 200 1.48 -2.55 -37.07
N GLY A 201 0.18 -2.79 -37.04
CA GLY A 201 -0.38 -4.06 -37.50
C GLY A 201 -0.33 -5.16 -36.47
N ILE A 202 0.32 -4.89 -35.34
CA ILE A 202 0.48 -5.88 -34.28
C ILE A 202 -0.81 -6.07 -33.49
N PHE A 203 -1.46 -4.96 -33.18
CA PHE A 203 -2.63 -4.94 -32.29
C PHE A 203 -3.65 -6.02 -32.60
N SER A 204 -4.15 -6.04 -33.84
CA SER A 204 -5.20 -6.97 -34.21
C SER A 204 -4.72 -8.42 -34.21
N ARG A 205 -3.50 -8.65 -34.68
CA ARG A 205 -2.95 -10.00 -34.76
C ARG A 205 -2.58 -10.54 -33.39
N LEU A 206 -2.12 -9.67 -32.51
CA LEU A 206 -1.77 -10.04 -31.15
C LEU A 206 -2.99 -10.52 -30.35
N LEU A 207 -4.08 -9.77 -30.47
CA LEU A 207 -5.34 -10.16 -29.84
C LEU A 207 -5.86 -11.47 -30.40
N ASP A 208 -5.75 -11.63 -31.69
CA ASP A 208 -6.16 -12.84 -32.34
C ASP A 208 -5.32 -13.97 -31.86
N SER A 209 -4.03 -13.74 -31.69
CA SER A 209 -3.14 -14.78 -31.23
C SER A 209 -3.50 -15.27 -29.86
N LEU A 210 -3.80 -14.33 -28.97
CA LEU A 210 -4.15 -14.63 -27.61
C LEU A 210 -5.45 -15.37 -27.52
N ARG A 211 -6.39 -15.04 -28.36
CA ARG A 211 -7.66 -15.71 -28.36
C ARG A 211 -7.57 -17.17 -28.71
N GLN A 212 -6.72 -17.48 -29.68
CA GLN A 212 -6.52 -18.85 -30.13
C GLN A 212 -5.96 -19.70 -29.05
N GLU A 213 -5.07 -19.14 -28.28
CA GLU A 213 -4.43 -19.78 -27.15
C GLU A 213 -5.44 -20.07 -26.11
N GLY A 214 -6.52 -19.33 -26.13
CA GLY A 214 -7.52 -19.47 -25.10
C GLY A 214 -7.24 -18.55 -23.96
N PHE A 215 -6.24 -17.71 -24.12
CA PHE A 215 -5.86 -16.76 -23.12
C PHE A 215 -6.86 -15.64 -22.91
N LEU A 216 -7.38 -15.06 -23.97
CA LEU A 216 -8.32 -13.99 -23.83
C LEU A 216 -9.67 -14.62 -23.89
N THR A 217 -10.45 -14.38 -22.85
CA THR A 217 -11.74 -14.98 -22.74
C THR A 217 -12.91 -14.14 -23.16
N ASP A 218 -12.88 -12.85 -22.85
CA ASP A 218 -13.97 -11.97 -23.18
C ASP A 218 -13.40 -10.65 -23.53
N ASP A 219 -14.10 -9.86 -24.31
CA ASP A 219 -13.65 -8.53 -24.71
C ASP A 219 -14.57 -7.42 -24.15
N LEU A 220 -13.98 -6.43 -23.47
CA LEU A 220 -14.68 -5.22 -23.03
C LEU A 220 -14.02 -4.06 -23.73
N VAL A 221 -14.77 -3.18 -24.34
CA VAL A 221 -14.11 -2.06 -24.95
C VAL A 221 -12.99 -2.59 -25.76
N SER A 222 -13.39 -3.42 -26.67
CA SER A 222 -12.57 -4.17 -27.55
C SER A 222 -11.77 -3.25 -28.44
N GLN A 223 -12.05 -1.98 -28.35
CA GLN A 223 -11.40 -1.06 -29.22
C GLN A 223 -11.12 0.30 -28.76
N GLU A 224 -10.06 0.88 -29.27
CA GLU A 224 -9.77 2.26 -29.12
C GLU A 224 -8.78 2.45 -30.22
N GLU A 225 -8.95 3.40 -31.12
CA GLU A 225 -7.99 3.61 -32.20
C GLU A 225 -7.72 5.10 -32.20
N ASN A 226 -7.08 5.48 -31.12
CA ASN A 226 -6.74 6.83 -30.72
C ASN A 226 -5.44 7.26 -31.21
N GLY A 227 -5.44 8.19 -32.12
CA GLY A 227 -4.22 8.69 -32.67
C GLY A 227 -3.46 7.53 -33.23
N GLN A 228 -2.21 7.45 -32.82
CA GLN A 228 -1.30 6.44 -33.25
C GLN A 228 -1.28 5.27 -32.30
N GLN A 229 -2.02 5.41 -31.21
CA GLN A 229 -2.11 4.41 -30.18
C GLN A 229 -3.37 3.60 -30.27
N GLN A 230 -3.35 2.40 -29.72
CA GLN A 230 -4.49 1.54 -29.72
C GLN A 230 -4.64 0.97 -28.36
N LYS A 231 -5.87 0.77 -27.89
CA LYS A 231 -6.08 0.24 -26.57
C LYS A 231 -7.10 -0.83 -26.55
N TYR A 232 -6.86 -1.86 -25.76
CA TYR A 232 -7.76 -2.98 -25.60
C TYR A 232 -8.04 -3.18 -24.12
N LEU A 233 -9.27 -3.43 -23.71
CA LEU A 233 -9.64 -3.71 -22.33
C LEU A 233 -10.24 -5.06 -22.45
N GLY A 234 -9.88 -6.00 -21.62
CA GLY A 234 -10.37 -7.36 -21.79
C GLY A 234 -10.16 -8.28 -20.62
N VAL A 235 -10.55 -9.53 -20.79
CA VAL A 235 -10.45 -10.52 -19.73
C VAL A 235 -9.57 -11.67 -20.16
N CYS A 236 -8.53 -11.96 -19.38
CA CYS A 236 -7.68 -13.10 -19.68
C CYS A 236 -7.72 -14.11 -18.55
N ARG A 237 -7.10 -15.26 -18.78
CA ARG A 237 -6.97 -16.30 -17.76
C ARG A 237 -5.81 -17.23 -18.07
N LEU A 238 -4.91 -17.39 -17.11
CA LEU A 238 -3.75 -18.26 -17.29
C LEU A 238 -4.18 -19.72 -17.38
N PRO A 239 -3.43 -20.54 -18.13
CA PRO A 239 -3.76 -21.97 -18.27
C PRO A 239 -3.55 -22.73 -16.98
N GLY A 240 -4.35 -23.77 -16.76
CA GLY A 240 -4.19 -24.60 -15.59
C GLY A 240 -5.40 -24.60 -14.69
N PRO A 241 -5.38 -25.41 -13.63
CA PRO A 241 -6.51 -25.54 -12.72
C PRO A 241 -6.48 -24.52 -11.58
N GLY A 242 -7.65 -24.04 -11.17
CA GLY A 242 -7.73 -23.09 -10.09
C GLY A 242 -7.25 -21.70 -10.46
N ARG A 243 -7.51 -21.29 -11.70
CA ARG A 243 -7.11 -19.97 -12.18
C ARG A 243 -8.30 -19.03 -12.28
N ARG A 244 -8.15 -17.82 -11.78
CA ARG A 244 -9.20 -16.81 -11.86
C ARG A 244 -9.10 -16.00 -13.15
N HIS A 245 -10.21 -15.45 -13.61
CA HIS A 245 -10.19 -14.53 -14.74
C HIS A 245 -9.62 -13.20 -14.28
N ARG A 246 -8.75 -12.60 -15.09
CA ARG A 246 -8.14 -11.33 -14.72
C ARG A 246 -8.46 -10.25 -15.73
N ARG A 247 -8.53 -9.01 -15.24
CA ARG A 247 -8.69 -7.86 -16.12
C ARG A 247 -7.36 -7.52 -16.77
N LEU A 248 -7.37 -7.40 -18.09
CA LEU A 248 -6.16 -7.15 -18.85
C LEU A 248 -6.34 -5.99 -19.83
N ASP A 249 -5.45 -5.00 -19.73
CA ASP A 249 -5.42 -3.90 -20.68
C ASP A 249 -4.15 -3.97 -21.49
N ILE A 250 -4.27 -3.67 -22.79
CA ILE A 250 -3.14 -3.66 -23.69
C ILE A 250 -3.19 -2.39 -24.51
N ILE A 251 -2.06 -1.67 -24.56
CA ILE A 251 -1.97 -0.46 -25.35
C ILE A 251 -0.76 -0.55 -26.27
N VAL A 252 -0.89 -0.04 -27.49
CA VAL A 252 0.22 -0.04 -28.44
C VAL A 252 0.55 1.37 -28.91
N VAL A 253 1.80 1.80 -28.71
CA VAL A 253 2.19 3.16 -29.06
C VAL A 253 3.44 3.18 -29.95
N PRO A 254 3.63 4.28 -30.70
CA PRO A 254 4.90 4.51 -31.39
C PRO A 254 6.00 4.90 -30.41
N TYR A 255 7.24 4.52 -30.72
CA TYR A 255 8.37 4.76 -29.82
C TYR A 255 8.51 6.24 -29.44
N SER A 256 8.08 7.12 -30.34
CA SER A 256 8.21 8.56 -30.09
C SER A 256 7.27 9.02 -28.98
N GLU A 257 6.25 8.21 -28.69
CA GLU A 257 5.28 8.53 -27.65
C GLU A 257 5.37 7.56 -26.48
N PHE A 258 6.34 6.67 -26.53
CA PHE A 258 6.48 5.61 -25.53
C PHE A 258 6.66 6.16 -24.12
N ALA A 259 7.34 7.30 -23.99
CA ALA A 259 7.62 7.86 -22.66
C ALA A 259 6.35 8.35 -21.99
N CYS A 260 5.57 9.14 -22.73
CA CYS A 260 4.32 9.67 -22.20
C CYS A 260 3.30 8.57 -21.97
N ALA A 261 3.42 7.48 -22.71
CA ALA A 261 2.52 6.35 -22.54
C ALA A 261 2.82 5.61 -21.25
N LEU A 262 4.10 5.29 -21.02
CA LEU A 262 4.53 4.63 -19.80
C LEU A 262 4.10 5.44 -18.59
N LEU A 263 4.36 6.74 -18.65
CA LEU A 263 4.01 7.65 -17.57
C LEU A 263 2.53 7.54 -17.21
N TYR A 264 1.68 7.60 -18.23
CA TYR A 264 0.23 7.59 -18.05
C TYR A 264 -0.25 6.26 -17.48
N PHE A 265 0.19 5.16 -18.08
CA PHE A 265 -0.26 3.84 -17.64
C PHE A 265 0.32 3.40 -16.30
N THR A 266 1.57 3.76 -16.02
CA THR A 266 2.21 3.40 -14.75
C THR A 266 1.52 4.04 -13.56
N GLY A 267 1.05 5.27 -13.74
CA GLY A 267 0.28 5.95 -12.72
C GLY A 267 1.14 6.54 -11.63
N SER A 268 0.56 6.72 -10.45
CA SER A 268 -0.82 6.36 -10.18
C SER A 268 -1.80 7.39 -10.72
N ALA A 269 -3.10 7.11 -10.55
CA ALA A 269 -4.14 7.99 -11.06
C ALA A 269 -4.04 9.36 -10.42
N HIS A 270 -3.83 9.40 -9.12
CA HIS A 270 -3.70 10.66 -8.40
C HIS A 270 -2.40 11.34 -8.80
N PHE A 271 -1.40 10.54 -9.13
CA PHE A 271 -0.11 11.08 -9.58
C PHE A 271 -0.24 11.74 -10.93
N ASN A 272 -0.91 11.07 -11.86
CA ASN A 272 -1.14 11.62 -13.18
C ASN A 272 -1.90 12.95 -13.14
N ARG A 273 -2.96 13.04 -12.35
CA ARG A 273 -3.71 14.29 -12.23
C ARG A 273 -2.79 15.39 -11.71
N SER A 274 -2.04 15.07 -10.67
CA SER A 274 -1.12 16.03 -10.05
C SER A 274 -0.11 16.56 -11.06
N MET A 275 0.49 15.64 -11.82
CA MET A 275 1.49 16.00 -12.80
C MET A 275 0.90 16.87 -13.91
N ARG A 276 -0.27 16.48 -14.41
CA ARG A 276 -0.94 17.22 -15.48
C ARG A 276 -1.56 18.53 -14.99
N ALA A 277 -2.04 18.54 -13.76
CA ALA A 277 -2.54 19.77 -13.16
C ALA A 277 -1.40 20.78 -13.10
N LEU A 278 -0.21 20.29 -12.78
CA LEU A 278 0.98 21.14 -12.69
C LEU A 278 1.42 21.67 -14.05
N ALA A 279 1.55 20.80 -15.05
CA ALA A 279 1.93 21.23 -16.39
C ALA A 279 1.02 22.34 -16.89
N LYS A 280 -0.26 22.24 -16.53
CA LYS A 280 -1.26 23.25 -16.85
C LYS A 280 -0.84 24.63 -16.29
N THR A 281 -0.25 24.64 -15.09
CA THR A 281 0.18 25.87 -14.45
C THR A 281 1.31 26.52 -15.24
N LYS A 282 2.16 25.68 -15.84
CA LYS A 282 3.35 26.14 -16.55
C LYS A 282 3.09 26.46 -18.01
N GLY A 283 1.82 26.51 -18.40
CA GLY A 283 1.45 26.77 -19.78
C GLY A 283 1.77 25.60 -20.68
N MET A 284 1.70 24.40 -20.13
CA MET A 284 2.02 23.18 -20.87
C MET A 284 0.84 22.20 -20.79
N SER A 285 0.95 21.07 -21.47
CA SER A 285 -0.06 20.02 -21.37
C SER A 285 0.56 18.63 -21.42
N LEU A 286 0.00 17.72 -20.63
CA LEU A 286 0.50 16.35 -20.58
C LEU A 286 -0.59 15.35 -20.93
N SER A 287 -0.25 14.39 -21.78
CA SER A 287 -1.17 13.31 -22.12
C SER A 287 -0.40 12.01 -22.27
N GLU A 288 -1.08 10.98 -22.75
CA GLU A 288 -0.42 9.70 -23.00
C GLU A 288 0.31 9.77 -24.33
N HIS A 289 0.11 10.86 -25.06
CA HIS A 289 0.70 11.03 -26.37
C HIS A 289 1.96 11.90 -26.33
N ALA A 290 1.86 13.06 -25.71
CA ALA A 290 2.98 14.00 -25.73
C ALA A 290 2.88 15.10 -24.68
N LEU A 291 4.05 15.58 -24.27
CA LEU A 291 4.14 16.80 -23.48
C LEU A 291 4.27 17.98 -24.44
N SER A 292 3.47 19.01 -24.23
CA SER A 292 3.46 20.14 -25.15
C SER A 292 3.72 21.45 -24.41
N THR A 293 4.36 22.40 -25.08
CA THR A 293 4.55 23.72 -24.48
C THR A 293 3.85 24.79 -25.31
N ALA A 294 3.79 25.99 -24.81
CA ALA A 294 3.13 27.01 -25.55
C ALA A 294 1.69 26.67 -25.79
N VAL A 295 1.05 26.13 -24.77
CA VAL A 295 -0.34 25.79 -24.89
C VAL A 295 -1.12 27.02 -24.52
N VAL A 296 -1.83 27.57 -25.47
CA VAL A 296 -2.61 28.77 -25.25
C VAL A 296 -3.83 28.51 -24.43
N ARG A 297 -4.15 29.41 -23.53
CA ARG A 297 -5.32 29.25 -22.73
C ARG A 297 -5.92 30.61 -22.65
N ASN A 298 -7.22 30.67 -22.46
CA ASN A 298 -7.91 31.93 -22.36
C ASN A 298 -8.01 32.37 -20.93
N THR A 299 -8.69 33.49 -20.72
CA THR A 299 -8.80 34.01 -19.39
C THR A 299 -9.46 33.00 -18.49
N HIS A 300 -10.45 32.28 -18.96
CA HIS A 300 -11.11 31.30 -18.12
C HIS A 300 -10.23 30.11 -17.90
N GLY A 301 -9.15 30.07 -18.65
CA GLY A 301 -8.21 28.98 -18.52
C GLY A 301 -8.50 27.87 -19.46
N CYS A 302 -9.49 28.06 -20.30
CA CYS A 302 -9.84 27.07 -21.28
C CYS A 302 -8.72 26.99 -22.28
N LYS A 303 -8.45 25.82 -22.81
CA LYS A 303 -7.38 25.65 -23.76
C LYS A 303 -7.87 25.94 -25.15
N VAL A 304 -7.26 26.90 -25.80
CA VAL A 304 -7.65 27.26 -27.13
C VAL A 304 -6.56 27.04 -28.15
N GLY A 305 -5.40 26.63 -27.71
CA GLY A 305 -4.27 26.39 -28.58
C GLY A 305 -3.58 25.15 -28.14
N PRO A 306 -3.24 24.27 -29.15
CA PRO A 306 -2.61 23.04 -28.68
C PRO A 306 -1.17 23.12 -28.37
N GLY A 307 -0.55 24.22 -28.72
CA GLY A 307 0.89 24.40 -28.50
C GLY A 307 1.71 23.51 -29.42
N ARG A 308 2.91 23.16 -28.99
CA ARG A 308 3.79 22.33 -29.80
C ARG A 308 4.43 21.21 -28.97
N VAL A 309 4.62 20.06 -29.61
CA VAL A 309 5.12 18.87 -28.93
C VAL A 309 6.62 18.88 -28.68
N LEU A 310 7.02 18.72 -27.42
CA LEU A 310 8.42 18.56 -27.07
C LEU A 310 8.84 17.09 -27.13
N PRO A 311 9.94 16.80 -27.84
CA PRO A 311 10.44 15.42 -27.94
C PRO A 311 10.87 14.87 -26.59
N THR A 312 10.27 13.76 -26.17
CA THR A 312 10.58 13.17 -24.87
C THR A 312 10.86 11.68 -25.03
N PRO A 313 12.12 11.33 -25.29
CA PRO A 313 12.53 9.94 -25.51
C PRO A 313 12.28 9.04 -24.29
N THR A 314 12.59 9.54 -23.09
CA THR A 314 12.41 8.75 -21.87
C THR A 314 11.59 9.51 -20.83
N GLU A 315 11.07 8.77 -19.85
CA GLU A 315 10.30 9.36 -18.76
C GLU A 315 11.03 10.52 -18.09
N LYS A 316 12.33 10.32 -17.85
CA LYS A 316 13.15 11.28 -17.10
C LYS A 316 13.16 12.65 -17.77
N ASP A 317 13.02 12.66 -19.10
CA ASP A 317 12.97 13.90 -19.85
C ASP A 317 11.71 14.70 -19.55
N VAL A 318 10.59 14.00 -19.41
CA VAL A 318 9.32 14.64 -19.12
C VAL A 318 9.38 15.33 -17.77
N PHE A 319 9.93 14.64 -16.78
CA PHE A 319 10.09 15.20 -15.44
C PHE A 319 10.96 16.45 -15.47
N ARG A 320 12.03 16.38 -16.27
CA ARG A 320 12.99 17.47 -16.37
C ARG A 320 12.38 18.73 -16.99
N LEU A 321 11.63 18.56 -18.08
CA LEU A 321 11.04 19.68 -18.79
C LEU A 321 9.91 20.33 -18.00
N LEU A 322 9.47 19.65 -16.94
CA LEU A 322 8.41 20.17 -16.09
C LEU A 322 8.96 20.76 -14.79
N GLY A 323 10.28 20.81 -14.67
CA GLY A 323 10.92 21.35 -13.49
C GLY A 323 10.60 20.53 -12.26
N LEU A 324 10.80 19.22 -12.36
CA LEU A 324 10.47 18.30 -11.28
C LEU A 324 11.57 17.26 -11.05
N PRO A 325 11.81 16.93 -9.79
CA PRO A 325 12.70 15.82 -9.45
C PRO A 325 12.11 14.50 -9.93
N TYR A 326 12.88 13.75 -10.70
CA TYR A 326 12.43 12.46 -11.21
C TYR A 326 11.99 11.54 -10.09
N ARG A 327 10.83 10.90 -10.26
CA ARG A 327 10.35 9.92 -9.30
C ARG A 327 10.34 8.53 -9.94
N GLU A 328 10.95 7.56 -9.26
CA GLU A 328 10.85 6.17 -9.67
C GLU A 328 9.39 5.72 -9.51
N PRO A 329 8.94 4.77 -10.35
CA PRO A 329 7.57 4.23 -10.29
C PRO A 329 7.06 3.97 -8.87
N ALA A 330 7.91 3.45 -7.99
CA ALA A 330 7.51 3.15 -6.61
C ALA A 330 7.25 4.43 -5.81
N GLU A 331 7.73 5.56 -6.32
CA GLU A 331 7.51 6.85 -5.67
C GLU A 331 6.31 7.56 -6.26
N ARG A 332 5.63 6.91 -7.20
CA ARG A 332 4.49 7.51 -7.87
C ARG A 332 3.17 6.96 -7.36
N ASP A 333 3.23 6.18 -6.28
CA ASP A 333 2.04 5.52 -5.75
C ASP A 333 1.22 6.46 -4.86
N TRP A 334 0.64 7.50 -5.45
CA TRP A 334 -0.14 8.47 -4.67
C TRP A 334 -1.62 8.11 -4.63
N PRO B 92 1.36 28.02 11.69
CA PRO B 92 0.37 28.16 10.62
C PRO B 92 0.54 27.05 9.60
N VAL B 93 1.23 27.33 8.51
CA VAL B 93 1.48 26.33 7.50
C VAL B 93 2.42 25.28 8.04
N LEU B 94 3.24 25.69 8.98
CA LEU B 94 4.22 24.80 9.53
C LEU B 94 3.59 23.61 10.17
N GLU B 95 2.50 23.81 10.87
CA GLU B 95 1.84 22.69 11.51
C GLU B 95 1.34 21.70 10.51
N LEU B 96 0.84 22.20 9.40
CA LEU B 96 0.31 21.35 8.36
C LEU B 96 1.42 20.45 7.94
N PHE B 97 2.60 21.01 7.83
CA PHE B 97 3.76 20.25 7.45
C PHE B 97 4.19 19.22 8.46
N SER B 98 4.10 19.57 9.72
CA SER B 98 4.54 18.68 10.77
C SER B 98 3.67 17.49 11.04
N ASN B 99 2.48 17.50 10.45
CA ASN B 99 1.54 16.43 10.64
C ASN B 99 1.72 15.32 9.68
N ILE B 100 2.79 15.39 8.93
CA ILE B 100 3.11 14.36 7.99
C ILE B 100 3.85 13.34 8.80
N TRP B 101 3.46 12.10 8.69
CA TRP B 101 4.10 11.05 9.44
C TRP B 101 5.55 10.97 9.05
N GLY B 102 6.44 11.03 10.02
CA GLY B 102 7.86 10.96 9.76
C GLY B 102 8.49 12.31 9.52
N ALA B 103 7.80 13.37 9.93
CA ALA B 103 8.29 14.74 9.76
C ALA B 103 8.31 15.49 11.08
N GLY B 104 9.51 15.80 11.56
CA GLY B 104 9.68 16.55 12.79
C GLY B 104 9.50 18.03 12.56
N THR B 105 9.30 18.78 13.64
CA THR B 105 9.04 20.21 13.55
C THR B 105 10.24 20.97 12.97
N LYS B 106 11.42 20.37 13.08
CA LYS B 106 12.64 20.97 12.56
C LYS B 106 12.87 20.59 11.11
N THR B 107 12.27 19.48 10.68
CA THR B 107 12.30 19.10 9.27
C THR B 107 11.26 19.91 8.52
N ALA B 108 10.20 20.31 9.22
CA ALA B 108 9.16 21.13 8.63
C ALA B 108 9.71 22.49 8.19
N GLN B 109 10.74 22.95 8.90
CA GLN B 109 11.30 24.27 8.62
C GLN B 109 12.23 24.30 7.45
N MET B 110 13.05 23.27 7.35
CA MET B 110 14.01 23.18 6.28
C MET B 110 13.27 23.04 4.94
N TRP B 111 12.01 22.60 5.00
CA TRP B 111 11.14 22.63 3.82
C TRP B 111 10.58 24.03 3.60
N TYR B 112 10.35 24.75 4.69
CA TYR B 112 9.87 26.13 4.62
C TYR B 112 10.94 27.06 4.07
N GLN B 113 12.20 26.64 4.22
CA GLN B 113 13.34 27.40 3.72
C GLN B 113 13.59 27.13 2.24
N GLN B 114 12.66 26.41 1.60
CA GLN B 114 12.79 26.09 0.18
C GLN B 114 11.63 26.66 -0.62
N GLY B 115 10.70 27.31 0.07
CA GLY B 115 9.60 27.99 -0.60
C GLY B 115 8.32 27.19 -0.65
N PHE B 116 8.34 25.98 -0.08
CA PHE B 116 7.18 25.10 -0.10
C PHE B 116 6.13 25.61 0.88
N ARG B 117 4.92 25.82 0.39
CA ARG B 117 3.85 26.38 1.21
C ARG B 117 2.56 25.56 1.12
N SER B 118 2.67 24.30 0.71
CA SER B 118 1.51 23.43 0.60
C SER B 118 1.92 21.96 0.65
N LEU B 119 0.92 21.08 0.58
CA LEU B 119 1.18 19.65 0.55
C LEU B 119 1.63 19.21 -0.83
N GLU B 120 1.08 19.85 -1.86
CA GLU B 120 1.42 19.52 -3.23
C GLU B 120 2.88 19.84 -3.51
N ASP B 121 3.31 21.02 -3.08
CA ASP B 121 4.69 21.44 -3.26
C ASP B 121 5.65 20.47 -2.60
N ILE B 122 5.30 20.03 -1.39
CA ILE B 122 6.12 19.06 -0.67
C ILE B 122 6.19 17.73 -1.41
N ARG B 123 5.06 17.31 -1.95
CA ARG B 123 4.93 16.00 -2.58
C ARG B 123 5.69 15.88 -3.90
N SER B 124 5.88 16.98 -4.60
CA SER B 124 6.43 16.93 -5.95
C SER B 124 7.81 17.58 -6.09
N GLN B 125 8.23 18.35 -5.08
CA GLN B 125 9.47 19.10 -5.19
C GLN B 125 10.56 18.60 -4.23
N ALA B 126 10.17 18.22 -3.03
CA ALA B 126 11.13 17.90 -1.98
C ALA B 126 11.64 16.46 -2.08
N SER B 127 12.83 16.23 -1.52
CA SER B 127 13.34 14.88 -1.35
C SER B 127 12.75 14.31 -0.08
N LEU B 128 12.17 13.11 -0.16
CA LEU B 128 11.44 12.53 0.96
C LEU B 128 12.00 11.18 1.37
N THR B 129 11.78 10.82 2.63
CA THR B 129 12.09 9.47 3.07
C THR B 129 10.86 8.59 2.79
N THR B 130 11.06 7.28 2.79
CA THR B 130 9.99 6.33 2.53
C THR B 130 8.77 6.61 3.42
N GLN B 131 9.03 6.84 4.71
CA GLN B 131 7.97 7.13 5.65
C GLN B 131 7.22 8.41 5.30
N GLN B 132 7.97 9.45 4.95
CA GLN B 132 7.36 10.74 4.61
C GLN B 132 6.46 10.63 3.39
N ALA B 133 6.87 9.80 2.43
CA ALA B 133 6.09 9.55 1.23
C ALA B 133 4.74 8.96 1.58
N ILE B 134 4.74 7.96 2.47
CA ILE B 134 3.52 7.33 2.94
C ILE B 134 2.69 8.32 3.77
N GLY B 135 3.38 9.20 4.49
CA GLY B 135 2.71 10.18 5.33
C GLY B 135 1.87 11.15 4.52
N LEU B 136 2.36 11.53 3.34
CA LEU B 136 1.63 12.42 2.46
C LEU B 136 0.49 11.68 1.76
N LYS B 137 0.75 10.41 1.44
CA LYS B 137 -0.21 9.58 0.74
C LYS B 137 -1.49 9.38 1.55
N HIS B 138 -1.33 9.21 2.85
CA HIS B 138 -2.46 8.96 3.75
C HIS B 138 -2.61 10.09 4.77
N TYR B 139 -2.31 11.32 4.33
CA TYR B 139 -2.28 12.47 5.24
C TYR B 139 -3.58 12.66 6.01
N SER B 140 -4.70 12.76 5.29
CA SER B 140 -5.98 13.01 5.92
C SER B 140 -6.36 11.87 6.85
N ASP B 141 -6.05 10.65 6.44
CA ASP B 141 -6.40 9.47 7.23
C ASP B 141 -5.54 9.34 8.50
N PHE B 142 -4.32 9.85 8.44
CA PHE B 142 -3.40 9.76 9.57
C PHE B 142 -3.64 10.89 10.57
N LEU B 143 -4.68 11.69 10.34
CA LEU B 143 -5.05 12.74 11.27
C LEU B 143 -6.11 12.23 12.24
N GLU B 144 -6.74 11.12 11.88
CA GLU B 144 -7.85 10.60 12.66
C GLU B 144 -7.43 9.43 13.55
N ARG B 145 -7.98 9.39 14.76
CA ARG B 145 -7.74 8.28 15.65
C ARG B 145 -8.90 7.31 15.61
N MET B 146 -8.62 6.04 15.31
CA MET B 146 -9.65 5.02 15.23
C MET B 146 -10.31 4.79 16.58
N PRO B 147 -11.61 4.48 16.57
CA PRO B 147 -12.23 4.02 17.82
C PRO B 147 -11.61 2.68 18.19
N ARG B 148 -11.60 2.34 19.47
CA ARG B 148 -10.89 1.13 19.91
C ARG B 148 -11.51 -0.12 19.33
N GLU B 149 -12.77 -0.07 18.95
CA GLU B 149 -13.44 -1.23 18.36
C GLU B 149 -12.77 -1.61 17.05
N GLU B 150 -12.36 -0.61 16.29
CA GLU B 150 -11.65 -0.84 15.03
C GLU B 150 -10.28 -1.45 15.31
N ALA B 151 -9.67 -1.07 16.42
CA ALA B 151 -8.37 -1.62 16.82
C ALA B 151 -8.49 -3.10 17.11
N THR B 152 -9.57 -3.47 17.79
CA THR B 152 -9.86 -4.87 18.07
C THR B 152 -9.92 -5.68 16.79
N GLU B 153 -10.62 -5.13 15.80
CA GLU B 153 -10.75 -5.75 14.49
C GLU B 153 -9.39 -6.02 13.84
N ILE B 154 -8.52 -5.01 13.88
CA ILE B 154 -7.18 -5.13 13.32
C ILE B 154 -6.35 -6.17 14.08
N GLU B 155 -6.51 -6.21 15.40
CA GLU B 155 -5.84 -7.22 16.21
C GLU B 155 -6.27 -8.61 15.77
N GLN B 156 -7.59 -8.82 15.69
CA GLN B 156 -8.15 -10.11 15.31
C GLN B 156 -7.69 -10.53 13.92
N THR B 157 -7.58 -9.57 13.02
CA THR B 157 -7.09 -9.83 11.68
C THR B 157 -5.67 -10.41 11.72
N VAL B 158 -4.77 -9.72 12.42
CA VAL B 158 -3.39 -10.20 12.52
C VAL B 158 -3.34 -11.52 13.31
N GLN B 159 -4.19 -11.64 14.31
CA GLN B 159 -4.22 -12.85 15.12
C GLN B 159 -4.72 -14.04 14.31
N LYS B 160 -5.84 -13.86 13.62
CA LYS B 160 -6.44 -14.94 12.82
C LYS B 160 -5.44 -15.44 11.78
N ALA B 161 -4.80 -14.50 11.09
CA ALA B 161 -3.81 -14.83 10.07
C ALA B 161 -2.66 -15.64 10.67
N ALA B 162 -2.22 -15.24 11.86
CA ALA B 162 -1.10 -15.90 12.51
C ALA B 162 -1.46 -17.29 13.02
N GLN B 163 -2.73 -17.52 13.35
CA GLN B 163 -3.14 -18.80 13.91
C GLN B 163 -3.30 -19.88 12.84
N ALA B 164 -3.28 -19.49 11.57
CA ALA B 164 -3.30 -20.46 10.48
C ALA B 164 -1.98 -21.21 10.44
N PHE B 165 -0.89 -20.47 10.56
CA PHE B 165 0.44 -21.06 10.56
C PHE B 165 0.68 -21.90 11.80
N ASN B 166 0.14 -21.44 12.92
CA ASN B 166 0.36 -22.06 14.22
C ASN B 166 -0.73 -21.64 15.21
N SER B 167 -1.55 -22.60 15.62
CA SER B 167 -2.70 -22.30 16.48
C SER B 167 -2.29 -21.98 17.91
N GLY B 168 -1.02 -22.17 18.23
CA GLY B 168 -0.53 -21.89 19.56
C GLY B 168 0.04 -20.49 19.74
N LEU B 169 0.16 -19.77 18.62
CA LEU B 169 0.70 -18.42 18.65
C LEU B 169 -0.20 -17.47 19.44
N LEU B 170 0.43 -16.54 20.16
CA LEU B 170 -0.31 -15.59 20.97
C LEU B 170 -0.11 -14.15 20.46
N CYS B 171 -1.19 -13.47 20.15
CA CYS B 171 -1.14 -12.09 19.70
C CYS B 171 -1.84 -11.17 20.63
N VAL B 172 -1.19 -10.08 20.99
CA VAL B 172 -1.77 -9.11 21.89
C VAL B 172 -1.66 -7.72 21.36
N ALA B 173 -2.71 -6.94 21.35
CA ALA B 173 -2.61 -5.56 20.89
C ALA B 173 -2.24 -4.77 22.11
N CYS B 174 -1.26 -3.91 21.96
CA CYS B 174 -0.69 -3.13 23.03
C CYS B 174 -0.94 -1.67 22.81
N GLY B 175 -0.06 -0.84 23.34
CA GLY B 175 -0.14 0.58 23.21
C GLY B 175 -1.34 1.20 23.81
N SER B 176 -1.97 2.12 23.12
CA SER B 176 -3.12 2.80 23.61
C SER B 176 -4.18 1.81 23.87
N TYR B 177 -4.31 0.82 23.02
CA TYR B 177 -5.34 -0.15 23.14
C TYR B 177 -5.32 -0.93 24.40
N ARG B 178 -4.19 -1.46 24.78
CA ARG B 178 -4.08 -2.23 26.02
C ARG B 178 -4.22 -1.32 27.25
N ARG B 179 -3.88 -0.05 27.10
CA ARG B 179 -4.02 0.92 28.19
C ARG B 179 -5.48 1.37 28.33
N GLY B 180 -6.37 0.79 27.55
CA GLY B 180 -7.80 1.04 27.68
C GLY B 180 -8.32 2.38 27.18
N LYS B 181 -7.59 3.00 26.25
CA LYS B 181 -8.03 4.24 25.62
C LYS B 181 -9.23 4.02 24.71
N ALA B 182 -10.02 5.07 24.52
CA ALA B 182 -11.18 4.98 23.63
C ALA B 182 -10.78 5.17 22.17
N THR B 183 -9.71 5.91 21.94
CA THR B 183 -9.21 6.08 20.58
C THR B 183 -7.74 5.74 20.49
N CYS B 184 -7.33 5.16 19.37
CA CYS B 184 -5.94 4.73 19.17
C CYS B 184 -5.32 5.40 17.96
N GLY B 185 -4.12 5.93 18.13
CA GLY B 185 -3.39 6.52 17.02
C GLY B 185 -3.04 5.49 15.98
N ASP B 186 -2.50 4.37 16.43
CA ASP B 186 -2.20 3.23 15.56
C ASP B 186 -2.47 1.94 16.32
N VAL B 187 -2.13 0.80 15.74
CA VAL B 187 -2.28 -0.46 16.45
C VAL B 187 -0.93 -1.14 16.63
N ASP B 188 -0.59 -1.47 17.87
CA ASP B 188 0.67 -2.14 18.17
C ASP B 188 0.41 -3.59 18.59
N VAL B 189 0.88 -4.54 17.78
CA VAL B 189 0.60 -5.95 18.04
C VAL B 189 1.86 -6.72 18.37
N ALA B 190 1.87 -7.36 19.53
CA ALA B 190 3.00 -8.19 19.92
C ALA B 190 2.64 -9.66 19.71
N ILE B 191 3.58 -10.42 19.17
CA ILE B 191 3.33 -11.83 18.89
C ILE B 191 4.41 -12.72 19.49
N THR B 192 3.99 -13.81 20.13
CA THR B 192 4.93 -14.77 20.70
C THR B 192 4.32 -16.16 20.77
N HIS B 193 5.13 -17.14 21.16
CA HIS B 193 4.64 -18.50 21.41
C HIS B 193 5.16 -18.99 22.74
N PRO B 194 4.29 -19.66 23.52
CA PRO B 194 4.68 -20.15 24.85
C PRO B 194 5.74 -21.24 24.83
N ASP B 195 5.91 -21.96 23.71
CA ASP B 195 6.87 -23.04 23.66
C ASP B 195 8.31 -22.53 23.61
N GLY B 196 8.46 -21.27 23.20
CA GLY B 196 9.75 -20.62 23.19
C GLY B 196 10.51 -20.77 21.88
N ARG B 197 9.93 -21.44 20.91
CA ARG B 197 10.65 -21.65 19.65
C ARG B 197 9.79 -21.45 18.41
N SER B 198 8.47 -21.64 18.53
CA SER B 198 7.60 -21.56 17.36
C SER B 198 7.43 -20.14 16.85
N HIS B 199 7.90 -19.17 17.62
CA HIS B 199 7.73 -17.77 17.25
C HIS B 199 8.57 -17.39 16.04
N ARG B 200 9.71 -18.06 15.86
CA ARG B 200 10.56 -17.77 14.71
C ARG B 200 10.14 -18.61 13.50
N GLY B 201 10.31 -18.03 12.32
CA GLY B 201 9.98 -18.71 11.07
C GLY B 201 8.56 -18.47 10.57
N ILE B 202 7.83 -17.60 11.26
CA ILE B 202 6.45 -17.32 10.86
C ILE B 202 6.27 -15.88 10.39
N PHE B 203 7.15 -15.00 10.85
CA PHE B 203 6.99 -13.57 10.63
C PHE B 203 6.91 -13.18 9.15
N SER B 204 7.91 -13.59 8.38
CA SER B 204 7.94 -13.28 6.94
C SER B 204 6.74 -13.87 6.23
N ARG B 205 6.39 -15.09 6.58
CA ARG B 205 5.24 -15.77 5.98
C ARG B 205 3.94 -15.08 6.36
N LEU B 206 3.90 -14.50 7.54
CA LEU B 206 2.72 -13.81 8.04
C LEU B 206 2.47 -12.50 7.29
N LEU B 207 3.53 -11.72 7.12
CA LEU B 207 3.44 -10.43 6.45
C LEU B 207 2.87 -10.55 5.03
N ASP B 208 3.48 -11.43 4.22
CA ASP B 208 3.02 -11.60 2.85
C ASP B 208 1.60 -12.17 2.81
N SER B 209 1.29 -13.02 3.78
CA SER B 209 -0.07 -13.56 3.91
C SER B 209 -1.07 -12.43 4.10
N LEU B 210 -0.64 -11.40 4.82
CA LEU B 210 -1.46 -10.21 5.03
C LEU B 210 -1.45 -9.33 3.78
N ARG B 211 -0.39 -9.41 2.99
CA ARG B 211 -0.30 -8.65 1.76
C ARG B 211 -1.21 -9.24 0.68
N GLN B 212 -1.18 -10.55 0.54
CA GLN B 212 -2.02 -11.23 -0.45
C GLN B 212 -3.49 -10.98 -0.15
N GLU B 213 -3.82 -10.94 1.14
CA GLU B 213 -5.19 -10.75 1.59
C GLU B 213 -5.67 -9.34 1.29
N GLY B 214 -4.72 -8.44 1.02
CA GLY B 214 -5.05 -7.05 0.73
C GLY B 214 -5.06 -6.21 2.00
N PHE B 215 -4.69 -6.81 3.12
CA PHE B 215 -4.72 -6.11 4.41
C PHE B 215 -3.58 -5.12 4.57
N LEU B 216 -2.38 -5.52 4.18
CA LEU B 216 -1.22 -4.62 4.26
C LEU B 216 -1.04 -3.85 2.97
N THR B 217 -1.25 -2.54 3.05
CA THR B 217 -1.23 -1.68 1.87
C THR B 217 0.13 -1.05 1.61
N ASP B 218 0.82 -0.63 2.65
CA ASP B 218 2.12 0.00 2.49
C ASP B 218 3.04 -0.46 3.59
N ASP B 219 4.32 -0.62 3.28
CA ASP B 219 5.29 -1.07 4.26
C ASP B 219 6.27 0.00 4.55
N LEU B 220 6.53 0.30 5.81
CA LEU B 220 7.52 1.30 6.14
C LEU B 220 8.81 0.64 6.55
N VAL B 221 8.75 -0.31 7.45
CA VAL B 221 9.92 -1.02 7.88
C VAL B 221 9.60 -2.43 7.56
N SER B 222 10.33 -3.00 6.63
CA SER B 222 10.05 -4.34 6.15
C SER B 222 10.16 -5.44 7.15
N GLN B 223 11.25 -5.46 7.89
CA GLN B 223 11.45 -6.45 8.90
C GLN B 223 12.60 -5.82 9.54
N GLU B 224 12.87 -6.16 10.77
CA GLU B 224 14.01 -5.61 11.45
C GLU B 224 14.35 -6.56 12.52
N GLU B 225 15.57 -6.50 12.98
CA GLU B 225 16.01 -7.40 14.01
C GLU B 225 16.65 -6.63 15.12
N ASN B 226 16.14 -6.84 16.33
CA ASN B 226 16.66 -6.25 17.54
C ASN B 226 16.74 -7.49 18.37
N GLY B 227 17.93 -7.97 18.66
CA GLY B 227 18.06 -9.17 19.43
C GLY B 227 17.27 -10.27 18.76
N GLN B 228 16.44 -10.96 19.52
CA GLN B 228 15.57 -11.99 18.99
C GLN B 228 14.23 -11.40 18.56
N GLN B 229 14.11 -10.07 18.64
CA GLN B 229 12.84 -9.42 18.31
C GLN B 229 12.80 -8.95 16.85
N GLN B 230 11.71 -9.27 16.18
CA GLN B 230 11.48 -8.84 14.80
C GLN B 230 10.37 -7.82 14.77
N LYS B 231 10.55 -6.73 14.03
CA LYS B 231 9.55 -5.67 14.01
C LYS B 231 9.13 -5.23 12.61
N TYR B 232 7.82 -5.11 12.42
CA TYR B 232 7.25 -4.57 11.20
C TYR B 232 6.55 -3.25 11.49
N LEU B 233 6.67 -2.30 10.58
CA LEU B 233 5.94 -1.04 10.67
C LEU B 233 5.38 -0.67 9.31
N GLY B 234 4.06 -0.72 9.19
CA GLY B 234 3.42 -0.42 7.92
C GLY B 234 2.03 0.17 8.05
N VAL B 235 1.25 0.06 6.98
CA VAL B 235 -0.11 0.61 6.94
C VAL B 235 -1.10 -0.48 6.53
N CYS B 236 -2.24 -0.52 7.21
CA CYS B 236 -3.27 -1.51 6.87
C CYS B 236 -4.62 -0.86 6.66
N ARG B 237 -5.56 -1.64 6.15
CA ARG B 237 -6.93 -1.19 6.00
C ARG B 237 -7.89 -2.37 6.09
N LEU B 238 -8.86 -2.27 6.98
CA LEU B 238 -9.86 -3.31 7.10
C LEU B 238 -10.65 -3.42 5.81
N PRO B 239 -11.07 -4.64 5.46
CA PRO B 239 -11.83 -4.86 4.22
C PRO B 239 -13.18 -4.16 4.23
N GLY B 240 -13.63 -3.73 3.06
CA GLY B 240 -14.95 -3.13 2.95
C GLY B 240 -14.92 -1.66 2.59
N PRO B 241 -16.11 -1.03 2.57
CA PRO B 241 -16.30 0.37 2.19
C PRO B 241 -16.07 1.35 3.34
N GLY B 242 -15.67 2.57 2.99
CA GLY B 242 -15.55 3.65 3.96
C GLY B 242 -14.53 3.44 5.07
N ARG B 243 -13.59 2.52 4.85
CA ARG B 243 -12.55 2.26 5.84
C ARG B 243 -11.36 3.20 5.63
N ARG B 244 -10.72 3.58 6.73
CA ARG B 244 -9.57 4.47 6.65
C ARG B 244 -8.28 3.67 6.77
N HIS B 245 -7.16 4.31 6.43
CA HIS B 245 -5.85 3.67 6.54
C HIS B 245 -5.26 3.84 7.94
N ARG B 246 -4.90 2.73 8.57
CA ARG B 246 -4.35 2.75 9.92
C ARG B 246 -2.90 2.29 9.95
N ARG B 247 -2.09 2.96 10.78
CA ARG B 247 -0.70 2.57 10.96
C ARG B 247 -0.62 1.33 11.86
N LEU B 248 0.28 0.41 11.51
CA LEU B 248 0.34 -0.87 12.21
C LEU B 248 1.76 -1.26 12.64
N ASP B 249 1.94 -1.50 13.93
CA ASP B 249 3.20 -2.04 14.45
C ASP B 249 3.04 -3.51 14.79
N ILE B 250 3.94 -4.34 14.26
CA ILE B 250 3.94 -5.75 14.61
C ILE B 250 5.31 -6.14 15.14
N ILE B 251 5.32 -6.83 16.28
CA ILE B 251 6.55 -7.25 16.94
C ILE B 251 6.47 -8.73 17.33
N VAL B 252 7.48 -9.49 16.94
CA VAL B 252 7.56 -10.89 17.31
C VAL B 252 8.69 -11.09 18.29
N VAL B 253 8.37 -11.59 19.48
CA VAL B 253 9.32 -11.71 20.57
C VAL B 253 9.33 -13.15 21.06
N PRO B 254 10.49 -13.61 21.57
CA PRO B 254 10.53 -14.91 22.24
C PRO B 254 9.77 -14.83 23.56
N TYR B 255 9.28 -15.97 24.04
CA TYR B 255 8.48 -15.99 25.27
C TYR B 255 9.28 -15.51 26.48
N SER B 256 10.59 -15.70 26.43
CA SER B 256 11.46 -15.34 27.55
C SER B 256 11.62 -13.84 27.70
N GLU B 257 11.18 -13.08 26.70
CA GLU B 257 11.28 -11.63 26.74
C GLU B 257 9.90 -11.01 26.78
N PHE B 258 8.88 -11.86 26.78
CA PHE B 258 7.50 -11.41 26.57
C PHE B 258 7.05 -10.36 27.57
N ALA B 259 7.24 -10.62 28.85
CA ALA B 259 6.79 -9.71 29.89
C ALA B 259 7.44 -8.34 29.75
N CYS B 260 8.74 -8.31 29.48
CA CYS B 260 9.43 -7.04 29.29
C CYS B 260 9.00 -6.36 28.00
N ALA B 261 8.70 -7.16 26.97
CA ALA B 261 8.21 -6.63 25.71
C ALA B 261 6.82 -6.06 25.90
N LEU B 262 5.97 -6.80 26.61
CA LEU B 262 4.60 -6.38 26.84
C LEU B 262 4.56 -5.06 27.60
N LEU B 263 5.43 -4.95 28.60
CA LEU B 263 5.53 -3.74 29.40
C LEU B 263 5.93 -2.55 28.55
N TYR B 264 6.95 -2.73 27.73
CA TYR B 264 7.50 -1.65 26.92
C TYR B 264 6.51 -1.17 25.86
N PHE B 265 5.93 -2.10 25.12
CA PHE B 265 5.04 -1.72 24.03
C PHE B 265 3.66 -1.32 24.53
N THR B 266 3.32 -1.66 25.77
CA THR B 266 2.07 -1.17 26.33
C THR B 266 2.25 0.29 26.69
N GLY B 267 3.47 0.64 27.10
CA GLY B 267 3.80 2.02 27.40
C GLY B 267 3.13 2.50 28.68
N SER B 268 2.88 3.79 28.78
CA SER B 268 3.19 4.77 27.74
C SER B 268 4.68 5.07 27.64
N ALA B 269 5.04 5.93 26.70
CA ALA B 269 6.43 6.34 26.52
C ALA B 269 6.98 6.97 27.80
N HIS B 270 6.23 7.89 28.39
CA HIS B 270 6.70 8.54 29.60
C HIS B 270 6.85 7.53 30.71
N PHE B 271 5.87 6.63 30.81
CA PHE B 271 5.91 5.59 31.82
C PHE B 271 7.13 4.71 31.66
N ASN B 272 7.47 4.35 30.42
CA ASN B 272 8.67 3.57 30.12
C ASN B 272 9.93 4.25 30.63
N ARG B 273 10.07 5.53 30.31
CA ARG B 273 11.22 6.30 30.75
C ARG B 273 11.27 6.33 32.25
N SER B 274 10.09 6.43 32.86
CA SER B 274 9.98 6.49 34.31
C SER B 274 10.47 5.19 34.95
N MET B 275 10.00 4.06 34.43
CA MET B 275 10.41 2.74 34.92
C MET B 275 11.89 2.48 34.65
N ARG B 276 12.37 2.95 33.51
CA ARG B 276 13.79 2.82 33.20
C ARG B 276 14.60 3.61 34.24
N ALA B 277 14.03 4.70 34.73
CA ALA B 277 14.72 5.53 35.73
C ALA B 277 14.74 4.82 37.07
N LEU B 278 13.63 4.17 37.41
CA LEU B 278 13.52 3.49 38.68
C LEU B 278 14.50 2.31 38.71
N ALA B 279 14.66 1.64 37.57
CA ALA B 279 15.57 0.52 37.47
C ALA B 279 17.01 0.94 37.77
N LYS B 280 17.36 2.14 37.34
CA LYS B 280 18.71 2.65 37.57
C LYS B 280 19.00 2.92 39.05
N THR B 281 18.00 3.34 39.81
CA THR B 281 18.22 3.63 41.22
C THR B 281 18.51 2.34 41.98
N LYS B 282 18.10 1.21 41.42
CA LYS B 282 18.35 -0.08 42.03
C LYS B 282 19.54 -0.76 41.37
N GLY B 283 20.32 0.00 40.63
CA GLY B 283 21.46 -0.53 39.91
C GLY B 283 21.10 -1.50 38.79
N MET B 284 19.84 -1.47 38.36
CA MET B 284 19.37 -2.35 37.30
C MET B 284 19.24 -1.61 35.98
N SER B 285 18.98 -2.34 34.91
CA SER B 285 18.67 -1.73 33.62
C SER B 285 17.50 -2.44 32.96
N LEU B 286 16.54 -1.65 32.48
CA LEU B 286 15.32 -2.20 31.89
C LEU B 286 15.23 -1.85 30.41
N SER B 287 14.90 -2.85 29.60
CA SER B 287 14.75 -2.66 28.17
C SER B 287 13.53 -3.45 27.69
N GLU B 288 13.31 -3.48 26.38
CA GLU B 288 12.21 -4.25 25.85
C GLU B 288 12.49 -5.74 25.95
N HIS B 289 13.76 -6.08 26.19
CA HIS B 289 14.19 -7.48 26.20
C HIS B 289 14.20 -8.08 27.60
N ALA B 290 14.82 -7.37 28.53
CA ALA B 290 15.02 -7.91 29.87
C ALA B 290 15.26 -6.83 30.94
N LEU B 291 15.05 -7.23 32.19
CA LEU B 291 15.47 -6.43 33.34
C LEU B 291 16.66 -7.14 33.96
N SER B 292 17.76 -6.43 34.12
CA SER B 292 19.00 -7.07 34.56
C SER B 292 19.78 -6.21 35.54
N THR B 293 20.55 -6.87 36.41
CA THR B 293 21.43 -6.18 37.34
C THR B 293 22.72 -5.78 36.64
N ALA B 294 23.34 -4.70 37.11
CA ALA B 294 24.58 -4.21 36.51
C ALA B 294 25.75 -5.12 36.88
N VAL B 295 25.83 -5.50 38.16
CA VAL B 295 26.94 -6.30 38.65
C VAL B 295 26.60 -6.82 40.04
N VAL B 296 27.43 -7.72 40.55
CA VAL B 296 27.21 -8.26 41.88
C VAL B 296 28.40 -7.99 42.75
N ARG B 297 28.16 -7.29 43.83
CA ARG B 297 29.21 -6.94 44.77
C ARG B 297 28.83 -7.47 46.11
N ASN B 298 29.80 -7.63 46.98
CA ASN B 298 29.52 -8.12 48.30
C ASN B 298 29.54 -7.01 49.31
N THR B 299 29.48 -7.37 50.58
CA THR B 299 29.44 -6.42 51.65
C THR B 299 30.60 -5.51 51.59
N HIS B 300 31.77 -6.06 51.31
CA HIS B 300 32.97 -5.27 51.23
C HIS B 300 33.01 -4.43 50.00
N GLY B 301 32.20 -4.78 49.04
CA GLY B 301 32.15 -4.04 47.79
C GLY B 301 32.96 -4.65 46.68
N CYS B 302 33.53 -5.80 46.96
CA CYS B 302 34.29 -6.49 45.97
C CYS B 302 33.32 -7.02 44.95
N LYS B 303 33.69 -7.02 43.68
CA LYS B 303 32.83 -7.54 42.64
C LYS B 303 32.90 -9.02 42.79
N VAL B 304 31.80 -9.71 42.62
CA VAL B 304 31.74 -11.14 42.88
C VAL B 304 31.23 -11.94 41.68
N GLY B 305 30.25 -11.40 40.98
CA GLY B 305 29.73 -12.05 39.79
C GLY B 305 29.43 -11.06 38.69
N PRO B 306 29.04 -11.57 37.51
CA PRO B 306 28.62 -10.68 36.44
C PRO B 306 27.18 -10.23 36.63
N GLY B 307 26.74 -9.24 35.87
CA GLY B 307 25.34 -8.84 35.89
C GLY B 307 24.50 -10.02 35.43
N ARG B 308 23.30 -10.16 36.00
CA ARG B 308 22.45 -11.27 35.63
C ARG B 308 21.08 -10.81 35.17
N VAL B 309 20.48 -11.57 34.27
CA VAL B 309 19.13 -11.31 33.84
C VAL B 309 18.14 -11.83 34.89
N LEU B 310 17.46 -10.90 35.55
CA LEU B 310 16.41 -11.26 36.51
C LEU B 310 15.24 -11.90 35.77
N PRO B 311 14.77 -13.06 36.26
CA PRO B 311 13.66 -13.77 35.63
C PRO B 311 12.37 -12.95 35.67
N THR B 312 11.78 -12.69 34.51
CA THR B 312 10.54 -11.90 34.48
C THR B 312 9.43 -12.60 33.71
N PRO B 313 8.84 -13.65 34.31
CA PRO B 313 7.76 -14.41 33.66
C PRO B 313 6.52 -13.58 33.38
N THR B 314 6.25 -12.59 34.21
CA THR B 314 5.05 -11.77 34.03
C THR B 314 5.37 -10.29 34.21
N GLU B 315 4.42 -9.44 33.87
CA GLU B 315 4.59 -8.00 34.12
C GLU B 315 4.72 -7.73 35.62
N LYS B 316 3.99 -8.50 36.41
CA LYS B 316 3.98 -8.35 37.85
C LYS B 316 5.37 -8.55 38.44
N ASP B 317 6.17 -9.39 37.78
CA ASP B 317 7.51 -9.66 38.28
C ASP B 317 8.40 -8.45 38.13
N VAL B 318 8.14 -7.65 37.10
CA VAL B 318 8.95 -6.46 36.88
C VAL B 318 8.66 -5.45 37.98
N PHE B 319 7.37 -5.23 38.24
CA PHE B 319 6.96 -4.32 39.30
C PHE B 319 7.50 -4.77 40.66
N ARG B 320 7.51 -6.07 40.91
CA ARG B 320 8.02 -6.59 42.16
C ARG B 320 9.51 -6.30 42.30
N LEU B 321 10.25 -6.56 41.24
CA LEU B 321 11.69 -6.34 41.25
C LEU B 321 12.07 -4.87 41.33
N LEU B 322 11.12 -3.98 41.03
CA LEU B 322 11.41 -2.56 41.05
C LEU B 322 10.88 -1.90 42.31
N GLY B 323 10.23 -2.68 43.15
CA GLY B 323 9.75 -2.19 44.44
C GLY B 323 8.42 -1.46 44.36
N LEU B 324 7.66 -1.74 43.31
CA LEU B 324 6.37 -1.09 43.07
C LEU B 324 5.19 -2.04 43.18
N PRO B 325 4.08 -1.56 43.75
CA PRO B 325 2.81 -2.26 43.61
C PRO B 325 2.42 -2.33 42.13
N TYR B 326 1.88 -3.46 41.69
CA TYR B 326 1.51 -3.64 40.29
C TYR B 326 0.59 -2.51 39.82
N ARG B 327 0.81 -2.04 38.60
CA ARG B 327 -0.06 -1.04 38.00
C ARG B 327 -0.73 -1.58 36.74
N GLU B 328 -2.05 -1.72 36.81
CA GLU B 328 -2.86 -2.14 35.68
C GLU B 328 -2.56 -1.24 34.47
N PRO B 329 -2.51 -1.81 33.25
CA PRO B 329 -2.16 -1.03 32.05
C PRO B 329 -2.88 0.32 31.93
N ALA B 330 -4.15 0.39 32.29
CA ALA B 330 -4.89 1.65 32.23
C ALA B 330 -4.31 2.74 33.12
N GLU B 331 -3.53 2.35 34.13
CA GLU B 331 -2.94 3.32 35.05
C GLU B 331 -1.57 3.79 34.58
N ARG B 332 -1.15 3.38 33.40
CA ARG B 332 0.22 3.65 32.96
C ARG B 332 0.31 4.72 31.89
N ASP B 333 -0.58 5.69 31.90
CA ASP B 333 -0.54 6.68 30.83
C ASP B 333 0.56 7.69 31.12
N TRP B 334 0.84 7.91 32.40
CA TRP B 334 1.93 8.78 32.81
C TRP B 334 2.72 8.16 33.95
MG MG E . -18.34 -0.59 -11.48
S SO4 F . 13.93 7.04 24.95
O1 SO4 F . 12.81 7.40 24.11
O2 SO4 F . 13.49 5.77 25.48
O3 SO4 F . 15.15 6.87 24.17
O4 SO4 F . 14.14 8.02 26.02
MG MG G . -0.06 2.59 19.36
PG DGT H . -0.89 6.05 20.15
O1G DGT H . -2.36 5.98 20.44
O2G DGT H . -0.50 4.92 19.23
O3G DGT H . -0.62 7.37 19.47
O3B DGT H . -0.07 5.91 21.44
PB DGT H . 0.74 4.61 21.85
O1B DGT H . 0.67 4.39 23.34
O2B DGT H . 0.25 3.34 21.18
O3A DGT H . 2.24 4.86 21.45
PA DGT H . 2.97 4.27 20.16
O1A DGT H . 2.09 3.42 19.23
O2A DGT H . 3.63 5.40 19.38
O5' DGT H . 4.09 3.34 20.76
C5' DGT H . 3.74 2.14 21.30
C4' DGT H . 4.51 1.98 22.56
O4' DGT H . 5.85 1.77 22.25
C3' DGT H . 4.46 3.22 23.34
O3' DGT H . 3.31 3.31 24.20
C2' DGT H . 5.63 3.18 24.13
C1' DGT H . 6.60 2.47 23.24
N9 DGT H . 7.40 3.41 22.62
C8 DGT H . 7.31 3.86 21.35
N7 DGT H . 8.24 4.78 21.12
C5 DGT H . 8.96 4.94 22.23
C6 DGT H . 10.10 5.78 22.60
O6 DGT H . 10.56 6.53 21.79
N1 DGT H . 10.63 5.71 23.87
C2 DGT H . 10.10 4.82 24.85
N2 DGT H . 10.66 4.77 26.15
N3 DGT H . 9.03 4.02 24.53
C4 DGT H . 8.44 4.07 23.20
#